data_3G31
#
_entry.id   3G31
#
_cell.length_a   45.279
_cell.length_b   106.765
_cell.length_c   47.777
_cell.angle_alpha   90.000
_cell.angle_beta   101.740
_cell.angle_gamma   90.000
#
_symmetry.space_group_name_H-M   'P 1 21 1'
#
loop_
_entity.id
_entity.type
_entity.pdbx_description
1 polymer 'Beta-lactamase CTX-M-9a'
2 non-polymer '(2S)-2-[(3aR,4R,7S,7aS)-1,3-dioxooctahydro-2H-4,7-methanoisoindol-2-yl]propanoic acid'
3 non-polymer 'PHOSPHATE ION'
4 non-polymer 'DIMETHYL SULFOXIDE'
5 water water
#
_entity_poly.entity_id   1
_entity_poly.type   'polypeptide(L)'
_entity_poly.pdbx_seq_one_letter_code
;QTSAVQQKLAALEKSSGGRLGVALIDTADNTQVLYRGDERFPMCSTSKVMAAAAVLKQSETQKQLLNQPVEIKPADLVNY
NPIAEKHVNGTMTLAELSAAALQYSDNTAMNKLIAQLGGPGGVTAFARAIGDETFRLDRTEPTLNTAIPGDPRDTTTPRA
MAQTLRQLTLGHALGETQRAQLVTWLKGNTTGAASIRAGLPTSWTAGDKTGSGDYGTTNDIAVIWPQGRAPLVLVTYFTQ
PQQNAESRRDVLASAARIIAEGL
;
_entity_poly.pdbx_strand_id   A,B
#
loop_
_chem_comp.id
_chem_comp.type
_chem_comp.name
_chem_comp.formula
DMS non-polymer 'DIMETHYL SULFOXIDE' 'C2 H6 O S'
GF1 non-polymer '(2S)-2-[(3aR,4R,7S,7aS)-1,3-dioxooctahydro-2H-4,7-methanoisoindol-2-yl]propanoic acid' 'C12 H15 N O4'
PO4 non-polymer 'PHOSPHATE ION' 'O4 P -3'
#
# COMPACT_ATOMS: atom_id res chain seq x y z
N THR A 2 -0.15 -0.49 4.35
CA THR A 2 -1.40 0.28 4.08
C THR A 2 -1.17 1.34 2.99
N SER A 3 -1.68 1.06 1.80
CA SER A 3 -1.56 1.99 0.70
C SER A 3 -2.77 2.93 0.70
N ALA A 4 -2.70 3.97 -0.12
CA ALA A 4 -3.83 4.86 -0.37
C ALA A 4 -5.00 4.05 -0.90
N VAL A 5 -4.72 3.10 -1.78
CA VAL A 5 -5.76 2.25 -2.35
C VAL A 5 -6.45 1.41 -1.28
N GLN A 6 -5.68 0.79 -0.38
CA GLN A 6 -6.27 0.03 0.73
C GLN A 6 -7.16 0.93 1.63
N GLN A 7 -6.74 2.17 1.89
CA GLN A 7 -7.57 3.09 2.68
C GLN A 7 -8.87 3.50 2.00
N LYS A 8 -8.84 3.64 0.68
CA LYS A 8 -10.06 3.93 -0.09
C LYS A 8 -11.01 2.72 -0.04
N LEU A 9 -10.44 1.54 -0.25
CA LEU A 9 -11.25 0.31 -0.17
C LEU A 9 -11.85 0.10 1.22
N ALA A 10 -11.07 0.46 2.25
CA ALA A 10 -11.56 0.39 3.63
C ALA A 10 -12.75 1.34 3.85
N ALA A 11 -12.69 2.53 3.25
CA ALA A 11 -13.77 3.52 3.36
C ALA A 11 -15.04 3.03 2.63
N LEU A 12 -14.84 2.42 1.47
CA LEU A 12 -15.92 1.84 0.72
C LEU A 12 -16.58 0.73 1.54
N GLU A 13 -15.74 -0.13 2.12
CA GLU A 13 -16.27 -1.25 2.90
C GLU A 13 -17.12 -0.77 4.08
N LYS A 14 -16.60 0.21 4.82
CA LYS A 14 -17.30 0.75 6.00
C LYS A 14 -18.68 1.33 5.68
N SER A 15 -18.83 1.93 4.51
CA SER A 15 -20.12 2.50 4.14
C SER A 15 -21.02 1.49 3.43
N SER A 16 -20.50 0.29 3.16
CA SER A 16 -21.19 -0.72 2.37
C SER A 16 -22.07 -1.63 3.24
N GLY A 17 -21.78 -1.69 4.54
CA GLY A 17 -22.48 -2.61 5.45
C GLY A 17 -21.92 -4.04 5.44
N GLY A 18 -21.04 -4.35 4.51
CA GLY A 18 -20.56 -5.72 4.43
C GLY A 18 -19.05 -5.88 4.51
N ARG A 19 -18.56 -7.01 4.03
CA ARG A 19 -17.16 -7.34 4.03
C ARG A 19 -16.68 -7.52 2.58
N LEU A 20 -15.62 -6.79 2.24
CA LEU A 20 -15.11 -6.71 0.88
C LEU A 20 -13.71 -7.37 0.82
N GLY A 21 -13.46 -8.14 -0.23
CA GLY A 21 -12.15 -8.74 -0.48
C GLY A 21 -11.75 -8.43 -1.92
N VAL A 22 -10.51 -7.98 -2.09
CA VAL A 22 -10.01 -7.57 -3.42
C VAL A 22 -8.60 -8.11 -3.64
N ALA A 23 -8.34 -8.60 -4.85
CA ALA A 23 -6.97 -8.94 -5.24
C ALA A 23 -6.74 -8.57 -6.69
N LEU A 24 -5.75 -7.71 -6.91
CA LEU A 24 -5.31 -7.31 -8.23
C LEU A 24 -3.94 -7.91 -8.48
N ILE A 25 -3.74 -8.46 -9.68
CA ILE A 25 -2.39 -8.75 -10.17
C ILE A 25 -2.20 -7.89 -11.41
N ASP A 26 -1.13 -7.08 -11.43
CA ASP A 26 -0.78 -6.34 -12.63
C ASP A 26 0.36 -7.06 -13.31
N THR A 27 0.08 -7.70 -14.45
CA THR A 27 1.10 -8.52 -15.13
C THR A 27 2.15 -7.63 -15.83
N ALA A 28 2.00 -6.31 -15.76
CA ALA A 28 3.07 -5.41 -16.26
C ALA A 28 4.34 -5.59 -15.43
N ASP A 29 4.16 -5.83 -14.12
CA ASP A 29 5.28 -5.95 -13.17
C ASP A 29 5.09 -7.05 -12.11
N ASN A 30 3.98 -7.78 -12.26
CA ASN A 30 3.60 -8.88 -11.35
C ASN A 30 3.34 -8.46 -9.90
N THR A 31 3.15 -7.15 -9.70
CA THR A 31 2.78 -6.62 -8.38
C THR A 31 1.32 -6.87 -8.09
N GLN A 32 0.99 -6.87 -6.80
CA GLN A 32 -0.35 -7.21 -6.34
C GLN A 32 -0.82 -6.12 -5.40
N VAL A 33 -2.12 -5.86 -5.45
CA VAL A 33 -2.81 -5.06 -4.45
C VAL A 33 -3.86 -5.98 -3.83
N LEU A 34 -3.81 -6.11 -2.51
CA LEU A 34 -4.73 -6.99 -1.77
C LEU A 34 -5.50 -6.24 -0.70
N TYR A 35 -6.78 -6.58 -0.55
CA TYR A 35 -7.58 -6.08 0.56
C TYR A 35 -8.34 -7.29 1.11
N ARG A 36 -8.04 -7.70 2.34
CA ARG A 36 -8.55 -8.98 2.87
C ARG A 36 -8.21 -10.11 1.89
N GLY A 37 -6.98 -10.03 1.36
CA GLY A 37 -6.52 -10.97 0.30
C GLY A 37 -6.44 -12.42 0.71
N ASP A 38 -6.25 -12.66 2.02
CA ASP A 38 -6.11 -14.01 2.58
C ASP A 38 -7.30 -14.45 3.40
N GLU A 39 -8.40 -13.71 3.30
CA GLU A 39 -9.62 -14.10 4.00
C GLU A 39 -10.48 -14.90 3.04
N ARG A 40 -11.16 -15.91 3.55
CA ARG A 40 -12.05 -16.71 2.68
C ARG A 40 -13.40 -16.04 2.46
N PHE A 41 -13.92 -16.22 1.25
CA PHE A 41 -15.24 -15.74 0.88
C PHE A 41 -15.95 -16.86 0.11
N PRO A 42 -17.29 -16.92 0.19
CA PRO A 42 -18.07 -17.89 -0.60
C PRO A 42 -18.01 -17.49 -2.07
N MET A 43 -17.62 -18.44 -2.92
CA MET A 43 -17.40 -18.13 -4.31
C MET A 43 -18.68 -17.89 -5.10
N CYS A 44 -19.73 -18.60 -4.73
CA CYS A 44 -20.96 -18.71 -5.53
C CYS A 44 -20.58 -19.02 -6.99
N SER A 45 -21.23 -18.36 -7.96
CA SER A 45 -21.01 -18.75 -9.37
C SER A 45 -19.62 -18.49 -9.94
N THR A 46 -18.77 -17.76 -9.21
CA THR A 46 -17.40 -17.61 -9.69
C THR A 46 -16.67 -18.97 -9.76
N SER A 47 -17.17 -19.97 -9.02
CA SER A 47 -16.59 -21.34 -9.07
C SER A 47 -16.75 -22.00 -10.45
N LYS A 48 -17.70 -21.49 -11.25
CA LYS A 48 -17.92 -22.03 -12.60
C LYS A 48 -16.70 -21.93 -13.49
N VAL A 49 -15.85 -20.93 -13.23
CA VAL A 49 -14.59 -20.86 -13.96
C VAL A 49 -13.70 -22.09 -13.74
N MET A 50 -13.55 -22.52 -12.48
CA MET A 50 -12.70 -23.68 -12.19
C MET A 50 -13.28 -24.96 -12.81
N ALA A 51 -14.62 -25.09 -12.80
CA ALA A 51 -15.25 -26.29 -13.35
C ALA A 51 -15.09 -26.32 -14.86
N ALA A 52 -15.38 -25.18 -15.50
CA ALA A 52 -15.17 -25.09 -16.94
C ALA A 52 -13.72 -25.37 -17.32
N ALA A 53 -12.78 -24.80 -16.55
CA ALA A 53 -11.34 -24.98 -16.83
C ALA A 53 -10.93 -26.46 -16.68
N ALA A 54 -11.47 -27.13 -15.65
CA ALA A 54 -11.16 -28.54 -15.42
C ALA A 54 -11.62 -29.42 -16.59
N VAL A 55 -12.81 -29.14 -17.12
CA VAL A 55 -13.29 -29.84 -18.31
C VAL A 55 -12.41 -29.53 -19.54
N LEU A 56 -12.01 -28.28 -19.70
CA LEU A 56 -11.05 -27.96 -20.77
C LEU A 56 -9.76 -28.77 -20.62
N LYS A 57 -9.29 -28.93 -19.37
CA LYS A 57 -8.06 -29.72 -19.14
C LYS A 57 -8.27 -31.17 -19.60
N GLN A 58 -9.41 -31.75 -19.23
CA GLN A 58 -9.74 -33.11 -19.69
C GLN A 58 -9.74 -33.22 -21.22
N SER A 59 -10.21 -32.16 -21.89
CA SER A 59 -10.30 -32.13 -23.34
C SER A 59 -8.93 -32.16 -24.04
N GLU A 60 -7.85 -31.84 -23.30
CA GLU A 60 -6.48 -31.93 -23.83
C GLU A 60 -6.08 -33.36 -24.19
N THR A 61 -6.69 -34.34 -23.53
CA THR A 61 -6.37 -35.75 -23.78
C THR A 61 -7.58 -36.49 -24.35
N GLN A 62 -8.70 -35.79 -24.49
CA GLN A 62 -9.85 -36.28 -25.25
C GLN A 62 -10.31 -35.21 -26.24
N LYS A 63 -9.81 -35.30 -27.46
CA LYS A 63 -10.03 -34.27 -28.47
C LYS A 63 -11.51 -33.98 -28.75
N GLN A 64 -12.35 -35.00 -28.63
CA GLN A 64 -13.77 -34.84 -28.95
C GLN A 64 -14.64 -34.56 -27.71
N LEU A 65 -14.01 -34.38 -26.54
CA LEU A 65 -14.78 -34.25 -25.30
C LEU A 65 -15.85 -33.16 -25.33
N LEU A 66 -15.52 -32.00 -25.90
CA LEU A 66 -16.43 -30.88 -25.87
C LEU A 66 -17.68 -31.12 -26.73
N ASN A 67 -17.62 -32.13 -27.61
CA ASN A 67 -18.78 -32.52 -28.42
C ASN A 67 -19.60 -33.64 -27.78
N GLN A 68 -19.15 -34.18 -26.66
CA GLN A 68 -19.88 -35.24 -25.95
C GLN A 68 -21.24 -34.75 -25.41
N PRO A 69 -22.32 -35.52 -25.70
CA PRO A 69 -23.65 -35.08 -25.25
C PRO A 69 -23.91 -35.47 -23.80
N VAL A 70 -24.72 -34.65 -23.13
CA VAL A 70 -25.13 -34.90 -21.77
C VAL A 70 -26.65 -34.76 -21.72
N GLU A 71 -27.32 -35.78 -21.19
CA GLU A 71 -28.77 -35.76 -21.03
C GLU A 71 -29.21 -34.72 -20.01
N ILE A 72 -30.22 -33.96 -20.41
CA ILE A 72 -30.87 -32.99 -19.54
C ILE A 72 -32.29 -33.49 -19.26
N LYS A 73 -32.55 -33.82 -18.02
CA LYS A 73 -33.86 -34.34 -17.61
C LYS A 73 -34.63 -33.29 -16.84
N PRO A 74 -35.98 -33.36 -16.87
CA PRO A 74 -36.78 -32.41 -16.10
C PRO A 74 -36.39 -32.35 -14.60
N ALA A 75 -36.09 -33.49 -14.00
CA ALA A 75 -35.69 -33.55 -12.59
C ALA A 75 -34.34 -32.86 -12.34
N ASP A 76 -33.54 -32.70 -13.39
CA ASP A 76 -32.20 -32.08 -13.31
C ASP A 76 -32.21 -30.58 -13.09
N LEU A 77 -33.28 -29.92 -13.52
CA LEU A 77 -33.35 -28.47 -13.46
C LEU A 77 -33.35 -27.97 -12.02
N VAL A 78 -32.52 -26.98 -11.77
CA VAL A 78 -32.45 -26.38 -10.45
C VAL A 78 -33.07 -24.97 -10.48
N ASN A 79 -32.41 -23.99 -9.87
CA ASN A 79 -33.05 -22.70 -9.57
C ASN A 79 -32.77 -21.58 -10.58
N TYR A 80 -31.97 -21.85 -11.60
CA TYR A 80 -31.61 -20.83 -12.58
C TYR A 80 -31.01 -21.50 -13.80
N ASN A 81 -31.85 -21.70 -14.81
CA ASN A 81 -31.52 -22.62 -15.89
C ASN A 81 -31.95 -22.00 -17.23
N PRO A 82 -31.47 -20.78 -17.54
CA PRO A 82 -31.93 -20.05 -18.73
C PRO A 82 -31.65 -20.80 -20.04
N ILE A 83 -30.57 -21.60 -20.06
CA ILE A 83 -30.21 -22.39 -21.24
C ILE A 83 -30.70 -23.86 -21.15
N ALA A 84 -30.39 -24.52 -20.04
CA ALA A 84 -30.80 -25.92 -19.83
C ALA A 84 -32.30 -26.12 -20.05
N GLU A 85 -33.12 -25.16 -19.64
CA GLU A 85 -34.58 -25.30 -19.80
C GLU A 85 -35.02 -25.52 -21.25
N LYS A 86 -34.21 -25.03 -22.18
CA LYS A 86 -34.52 -25.13 -23.61
C LYS A 86 -34.30 -26.57 -24.13
N HIS A 87 -33.50 -27.34 -23.40
CA HIS A 87 -33.00 -28.64 -23.85
C HIS A 87 -33.41 -29.81 -22.97
N VAL A 88 -34.35 -29.57 -22.08
CA VAL A 88 -34.85 -30.66 -21.25
C VAL A 88 -35.44 -31.76 -22.14
N ASN A 89 -35.26 -33.01 -21.72
CA ASN A 89 -35.59 -34.20 -22.51
C ASN A 89 -34.77 -34.37 -23.78
N GLY A 90 -33.72 -33.55 -23.92
CA GLY A 90 -32.77 -33.66 -24.99
C GLY A 90 -31.36 -33.71 -24.37
N THR A 91 -30.37 -33.26 -25.14
CA THR A 91 -28.99 -33.27 -24.66
C THR A 91 -28.34 -31.92 -24.93
N MET A 92 -27.25 -31.67 -24.22
CA MET A 92 -26.37 -30.54 -24.53
C MET A 92 -24.94 -31.07 -24.54
N THR A 93 -24.08 -30.50 -25.37
CA THR A 93 -22.68 -30.94 -25.41
C THR A 93 -21.94 -30.29 -24.25
N LEU A 94 -20.78 -30.83 -23.90
CA LEU A 94 -19.98 -30.22 -22.83
C LEU A 94 -19.57 -28.79 -23.20
N ALA A 95 -19.35 -28.52 -24.48
CA ALA A 95 -19.11 -27.13 -24.94
C ALA A 95 -20.32 -26.23 -24.63
N GLU A 96 -21.50 -26.71 -24.99
CA GLU A 96 -22.72 -25.95 -24.74
C GLU A 96 -22.92 -25.70 -23.25
N LEU A 97 -22.70 -26.73 -22.43
CA LEU A 97 -22.81 -26.62 -20.98
C LEU A 97 -21.77 -25.62 -20.42
N SER A 98 -20.55 -25.67 -20.95
CA SER A 98 -19.48 -24.77 -20.48
C SER A 98 -19.84 -23.31 -20.79
N ALA A 99 -20.27 -23.05 -22.01
CA ALA A 99 -20.72 -21.73 -22.41
C ALA A 99 -21.95 -21.28 -21.61
N ALA A 100 -22.91 -22.19 -21.38
CA ALA A 100 -24.09 -21.80 -20.61
C ALA A 100 -23.71 -21.41 -19.18
N ALA A 101 -22.84 -22.23 -18.57
CA ALA A 101 -22.37 -21.98 -17.21
C ALA A 101 -21.61 -20.64 -17.12
N LEU A 102 -20.68 -20.44 -18.04
CA LEU A 102 -19.83 -19.24 -17.99
C LEU A 102 -20.55 -17.95 -18.36
N GLN A 103 -21.29 -17.99 -19.46
CA GLN A 103 -21.81 -16.78 -20.05
C GLN A 103 -23.21 -16.40 -19.59
N TYR A 104 -24.01 -17.38 -19.14
CA TYR A 104 -25.37 -17.12 -18.65
C TYR A 104 -25.53 -17.51 -17.18
N SER A 105 -24.48 -18.10 -16.60
CA SER A 105 -24.48 -18.52 -15.19
C SER A 105 -25.55 -19.59 -14.93
N ASP A 106 -25.72 -20.49 -15.90
CA ASP A 106 -26.75 -21.55 -15.83
C ASP A 106 -26.35 -22.55 -14.75
N ASN A 107 -27.18 -22.69 -13.72
CA ASN A 107 -26.87 -23.58 -12.58
C ASN A 107 -26.98 -25.09 -12.89
N THR A 108 -27.92 -25.46 -13.76
CA THR A 108 -28.01 -26.84 -14.21
C THR A 108 -26.75 -27.19 -15.02
N ALA A 109 -26.28 -26.27 -15.85
CA ALA A 109 -25.09 -26.55 -16.66
C ALA A 109 -23.88 -26.79 -15.73
N MET A 110 -23.76 -25.95 -14.70
CA MET A 110 -22.70 -26.15 -13.70
C MET A 110 -22.78 -27.56 -13.09
N ASN A 111 -23.98 -28.00 -12.72
CA ASN A 111 -24.11 -29.35 -12.13
C ASN A 111 -23.59 -30.46 -13.08
N LYS A 112 -23.81 -30.25 -14.37
CA LYS A 112 -23.32 -31.21 -15.36
C LYS A 112 -21.79 -31.19 -15.45
N LEU A 113 -21.21 -29.98 -15.39
CA LEU A 113 -19.75 -29.88 -15.37
C LEU A 113 -19.18 -30.59 -14.14
N ILE A 114 -19.79 -30.36 -12.99
CA ILE A 114 -19.36 -31.01 -11.74
C ILE A 114 -19.44 -32.55 -11.85
N ALA A 115 -20.55 -33.06 -12.40
CA ALA A 115 -20.72 -34.52 -12.62
C ALA A 115 -19.63 -35.08 -13.51
N GLN A 116 -19.31 -34.35 -14.59
CA GLN A 116 -18.26 -34.77 -15.52
C GLN A 116 -16.88 -34.85 -14.84
N LEU A 117 -16.74 -34.11 -13.75
CA LEU A 117 -15.47 -34.07 -12.99
C LEU A 117 -15.45 -35.04 -11.80
N GLY A 118 -16.57 -35.76 -11.62
CA GLY A 118 -16.69 -36.76 -10.57
C GLY A 118 -17.26 -36.23 -9.27
N GLY A 119 -17.81 -35.01 -9.30
CA GLY A 119 -18.36 -34.37 -8.10
C GLY A 119 -17.55 -33.15 -7.66
N PRO A 120 -18.06 -32.39 -6.69
CA PRO A 120 -17.36 -31.16 -6.27
C PRO A 120 -15.86 -31.38 -6.01
N GLY A 121 -15.50 -32.46 -5.34
CA GLY A 121 -14.09 -32.77 -5.07
C GLY A 121 -13.21 -32.93 -6.31
N GLY A 122 -13.83 -33.24 -7.45
CA GLY A 122 -13.10 -33.34 -8.71
C GLY A 122 -12.66 -31.96 -9.17
N VAL A 123 -13.48 -30.96 -8.84
CA VAL A 123 -13.13 -29.58 -9.17
C VAL A 123 -11.98 -29.14 -8.25
N THR A 124 -12.09 -29.42 -6.95
CA THR A 124 -11.04 -29.12 -5.99
C THR A 124 -9.73 -29.78 -6.41
N ALA A 125 -9.82 -31.04 -6.88
CA ALA A 125 -8.64 -31.79 -7.33
C ALA A 125 -7.92 -31.06 -8.47
N PHE A 126 -8.69 -30.56 -9.41
CA PHE A 126 -8.11 -29.81 -10.51
C PHE A 126 -7.42 -28.55 -10.02
N ALA A 127 -8.06 -27.83 -9.09
CA ALA A 127 -7.42 -26.63 -8.51
C ALA A 127 -6.06 -26.99 -7.93
N ARG A 128 -6.00 -28.09 -7.17
CA ARG A 128 -4.74 -28.53 -6.56
C ARG A 128 -3.71 -28.81 -7.64
N ALA A 129 -4.16 -29.40 -8.75
CA ALA A 129 -3.28 -29.79 -9.85
C ALA A 129 -2.63 -28.60 -10.54
N ILE A 130 -3.31 -27.46 -10.53
CA ILE A 130 -2.73 -26.22 -11.09
C ILE A 130 -2.10 -25.29 -10.03
N GLY A 131 -1.95 -25.79 -8.80
CA GLY A 131 -1.20 -25.09 -7.76
C GLY A 131 -2.02 -24.22 -6.81
N ASP A 132 -3.33 -24.35 -6.89
CA ASP A 132 -4.23 -23.61 -6.00
C ASP A 132 -4.54 -24.50 -4.80
N GLU A 133 -3.96 -24.15 -3.65
N GLU A 133 -3.98 -24.14 -3.65
CA GLU A 133 -4.13 -24.95 -2.42
CA GLU A 133 -4.12 -24.93 -2.40
C GLU A 133 -5.20 -24.36 -1.50
C GLU A 133 -5.34 -24.50 -1.59
N THR A 134 -5.98 -23.42 -2.04
CA THR A 134 -6.96 -22.68 -1.24
C THR A 134 -8.39 -22.96 -1.64
N PHE A 135 -8.66 -22.93 -2.95
CA PHE A 135 -9.99 -23.22 -3.49
C PHE A 135 -10.55 -24.52 -2.91
N ARG A 136 -11.82 -24.50 -2.53
CA ARG A 136 -12.50 -25.77 -2.23
C ARG A 136 -13.93 -25.69 -2.72
N LEU A 137 -14.33 -26.68 -3.50
CA LEU A 137 -15.73 -26.85 -3.86
C LEU A 137 -16.26 -28.08 -3.13
N ASP A 138 -17.34 -27.89 -2.39
CA ASP A 138 -17.85 -28.95 -1.49
C ASP A 138 -19.24 -29.47 -1.88
N ARG A 139 -19.99 -28.60 -2.56
CA ARG A 139 -21.38 -28.90 -2.89
C ARG A 139 -21.71 -28.56 -4.34
N THR A 140 -22.85 -29.06 -4.79
CA THR A 140 -23.41 -28.74 -6.10
C THR A 140 -24.30 -27.49 -6.03
N GLU A 141 -24.85 -27.10 -7.19
CA GLU A 141 -25.87 -26.06 -7.24
C GLU A 141 -27.18 -26.70 -6.83
N PRO A 142 -28.03 -25.97 -6.07
CA PRO A 142 -27.83 -24.58 -5.61
C PRO A 142 -27.22 -24.39 -4.23
N THR A 143 -27.01 -25.47 -3.48
CA THR A 143 -26.59 -25.29 -2.08
C THR A 143 -25.19 -24.71 -1.90
N LEU A 144 -24.36 -24.74 -2.94
CA LEU A 144 -23.05 -24.08 -2.85
C LEU A 144 -23.17 -22.56 -2.66
N ASN A 145 -24.38 -22.02 -2.77
CA ASN A 145 -24.63 -20.57 -2.61
C ASN A 145 -25.18 -20.16 -1.25
N THR A 146 -25.20 -21.07 -0.28
CA THR A 146 -25.72 -20.69 1.05
C THR A 146 -24.86 -19.58 1.70
N ALA A 147 -23.55 -19.57 1.45
CA ALA A 147 -22.70 -18.40 1.76
C ALA A 147 -22.78 -17.97 3.23
N ILE A 148 -22.88 -18.95 4.14
CA ILE A 148 -23.05 -18.66 5.54
C ILE A 148 -21.73 -18.09 6.11
N PRO A 149 -21.80 -16.94 6.83
CA PRO A 149 -20.54 -16.40 7.37
C PRO A 149 -19.81 -17.41 8.23
N GLY A 150 -18.51 -17.50 8.03
CA GLY A 150 -17.65 -18.40 8.81
C GLY A 150 -17.58 -19.83 8.26
N ASP A 151 -18.44 -20.15 7.28
CA ASP A 151 -18.50 -21.47 6.69
C ASP A 151 -17.39 -21.62 5.63
N PRO A 152 -16.48 -22.60 5.80
CA PRO A 152 -15.39 -22.75 4.83
C PRO A 152 -15.81 -23.44 3.51
N ARG A 153 -17.02 -24.02 3.46
CA ARG A 153 -17.47 -24.74 2.27
C ARG A 153 -17.60 -23.80 1.09
N ASP A 154 -17.11 -24.23 -0.07
CA ASP A 154 -17.35 -23.53 -1.33
C ASP A 154 -16.78 -22.13 -1.26
N THR A 155 -15.56 -22.04 -0.72
CA THR A 155 -14.88 -20.76 -0.55
C THR A 155 -13.49 -20.76 -1.19
N THR A 156 -12.99 -19.55 -1.40
CA THR A 156 -11.57 -19.34 -1.68
C THR A 156 -11.16 -17.96 -1.14
N THR A 157 -9.90 -17.57 -1.33
CA THR A 157 -9.46 -16.22 -0.94
C THR A 157 -9.27 -15.39 -2.21
N PRO A 158 -9.36 -14.05 -2.09
CA PRO A 158 -9.10 -13.21 -3.27
C PRO A 158 -7.70 -13.46 -3.87
N ARG A 159 -6.67 -13.58 -3.03
CA ARG A 159 -5.31 -13.82 -3.53
C ARG A 159 -5.26 -15.11 -4.35
N ALA A 160 -5.86 -16.19 -3.83
CA ALA A 160 -5.77 -17.47 -4.53
C ALA A 160 -6.51 -17.45 -5.85
N MET A 161 -7.70 -16.86 -5.88
CA MET A 161 -8.50 -16.83 -7.12
C MET A 161 -7.84 -15.94 -8.19
N ALA A 162 -7.20 -14.85 -7.75
CA ALA A 162 -6.54 -13.94 -8.72
C ALA A 162 -5.37 -14.70 -9.38
N GLN A 163 -4.56 -15.36 -8.56
CA GLN A 163 -3.46 -16.15 -9.07
C GLN A 163 -3.94 -17.24 -10.04
N THR A 164 -4.95 -18.00 -9.63
CA THR A 164 -5.50 -19.08 -10.46
C THR A 164 -6.07 -18.51 -11.77
N LEU A 165 -6.85 -17.45 -11.69
CA LEU A 165 -7.40 -16.84 -12.92
C LEU A 165 -6.28 -16.42 -13.88
N ARG A 166 -5.21 -15.85 -13.32
CA ARG A 166 -4.04 -15.45 -14.12
C ARG A 166 -3.43 -16.68 -14.81
N GLN A 167 -3.14 -17.73 -14.06
CA GLN A 167 -2.55 -18.95 -14.63
C GLN A 167 -3.43 -19.61 -15.71
N LEU A 168 -4.75 -19.56 -15.53
CA LEU A 168 -5.71 -20.17 -16.48
C LEU A 168 -5.82 -19.36 -17.76
N THR A 169 -5.83 -18.04 -17.67
CA THR A 169 -6.16 -17.20 -18.83
C THR A 169 -4.96 -16.54 -19.50
N LEU A 170 -3.87 -16.39 -18.74
CA LEU A 170 -2.69 -15.71 -19.25
C LEU A 170 -1.43 -16.56 -19.17
N GLY A 171 -1.49 -17.63 -18.38
CA GLY A 171 -0.38 -18.54 -18.20
C GLY A 171 -0.61 -19.89 -18.85
N HIS A 172 0.10 -20.89 -18.33
CA HIS A 172 0.17 -22.19 -19.00
C HIS A 172 -0.50 -23.33 -18.24
N ALA A 173 -1.46 -23.00 -17.40
CA ALA A 173 -2.18 -24.04 -16.67
C ALA A 173 -3.00 -24.92 -17.65
N LEU A 174 -3.44 -24.31 -18.74
CA LEU A 174 -4.16 -24.99 -19.81
C LEU A 174 -3.34 -24.99 -21.10
N GLY A 175 -3.63 -25.95 -22.00
CA GLY A 175 -3.08 -25.91 -23.36
C GLY A 175 -3.45 -24.62 -24.07
N GLU A 176 -2.68 -24.22 -25.09
CA GLU A 176 -2.95 -22.95 -25.78
C GLU A 176 -4.40 -22.86 -26.33
N THR A 177 -4.83 -23.92 -27.00
CA THR A 177 -6.19 -23.93 -27.57
C THR A 177 -7.25 -23.74 -26.48
N GLN A 178 -7.01 -24.41 -25.36
CA GLN A 178 -7.95 -24.38 -24.23
C GLN A 178 -7.97 -23.01 -23.55
N ARG A 179 -6.78 -22.44 -23.34
CA ARG A 179 -6.65 -21.10 -22.78
C ARG A 179 -7.43 -20.10 -23.63
N ALA A 180 -7.25 -20.20 -24.94
CA ALA A 180 -7.90 -19.28 -25.87
C ALA A 180 -9.43 -19.45 -25.78
N GLN A 181 -9.89 -20.69 -25.68
CA GLN A 181 -11.32 -20.97 -25.58
C GLN A 181 -11.88 -20.39 -24.29
N LEU A 182 -11.18 -20.57 -23.19
CA LEU A 182 -11.60 -20.00 -21.89
C LEU A 182 -11.73 -18.47 -21.98
N VAL A 183 -10.71 -17.83 -22.53
CA VAL A 183 -10.74 -16.37 -22.69
C VAL A 183 -11.93 -15.91 -23.56
N THR A 184 -12.11 -16.57 -24.70
CA THR A 184 -13.25 -16.32 -25.57
C THR A 184 -14.58 -16.41 -24.82
N TRP A 185 -14.74 -17.49 -24.04
CA TRP A 185 -15.96 -17.62 -23.26
C TRP A 185 -16.15 -16.46 -22.27
N LEU A 186 -15.14 -16.18 -21.45
CA LEU A 186 -15.20 -15.09 -20.48
C LEU A 186 -15.50 -13.73 -21.12
N LYS A 187 -14.89 -13.45 -22.28
CA LYS A 187 -15.10 -12.17 -22.97
C LYS A 187 -16.53 -12.06 -23.52
N GLY A 188 -17.17 -13.21 -23.65
CA GLY A 188 -18.55 -13.32 -24.14
C GLY A 188 -19.59 -13.34 -23.02
N ASN A 189 -19.14 -13.12 -21.78
CA ASN A 189 -20.07 -13.13 -20.66
C ASN A 189 -21.22 -12.12 -20.83
N THR A 190 -22.45 -12.51 -20.46
CA THR A 190 -23.58 -11.60 -20.59
C THR A 190 -23.93 -10.89 -19.28
N THR A 191 -23.33 -11.33 -18.16
CA THR A 191 -23.83 -10.95 -16.84
C THR A 191 -23.03 -9.84 -16.13
N GLY A 192 -21.97 -9.34 -16.77
CA GLY A 192 -20.96 -8.56 -16.01
C GLY A 192 -20.95 -7.02 -16.07
N ALA A 193 -21.84 -6.41 -16.86
CA ALA A 193 -21.73 -4.96 -17.14
C ALA A 193 -21.96 -4.06 -15.92
N ALA A 194 -22.59 -4.60 -14.87
CA ALA A 194 -22.85 -3.82 -13.65
C ALA A 194 -21.79 -3.99 -12.54
N SER A 195 -20.85 -4.90 -12.75
CA SER A 195 -19.91 -5.32 -11.71
C SER A 195 -18.53 -4.70 -11.91
N ILE A 196 -17.45 -5.49 -11.90
CA ILE A 196 -16.08 -4.92 -12.04
C ILE A 196 -16.02 -3.99 -13.24
N ARG A 197 -16.57 -4.44 -14.35
CA ARG A 197 -16.41 -3.71 -15.62
C ARG A 197 -17.10 -2.34 -15.64
N ALA A 198 -18.09 -2.15 -14.76
CA ALA A 198 -18.77 -0.85 -14.60
C ALA A 198 -17.79 0.22 -14.06
N GLY A 199 -16.75 -0.22 -13.37
CA GLY A 199 -15.81 0.71 -12.75
C GLY A 199 -14.57 0.98 -13.59
N LEU A 200 -14.51 0.38 -14.78
CA LEU A 200 -13.33 0.48 -15.64
C LEU A 200 -13.53 1.48 -16.78
N PRO A 201 -12.43 2.09 -17.26
CA PRO A 201 -12.56 2.96 -18.45
C PRO A 201 -13.20 2.17 -19.59
N THR A 202 -14.15 2.80 -20.29
CA THR A 202 -14.90 2.11 -21.36
C THR A 202 -13.99 1.60 -22.49
N SER A 203 -12.84 2.25 -22.70
CA SER A 203 -11.92 1.86 -23.78
C SER A 203 -11.26 0.51 -23.54
N TRP A 204 -11.27 0.05 -22.30
CA TRP A 204 -10.62 -1.20 -21.93
C TRP A 204 -11.49 -2.37 -22.39
N THR A 205 -10.89 -3.55 -22.53
CA THR A 205 -11.66 -4.76 -22.79
C THR A 205 -11.45 -5.74 -21.64
N ALA A 206 -12.37 -6.69 -21.48
CA ALA A 206 -12.30 -7.62 -20.37
C ALA A 206 -13.22 -8.81 -20.58
N GLY A 207 -12.94 -9.88 -19.82
CA GLY A 207 -13.92 -10.96 -19.60
C GLY A 207 -14.09 -11.13 -18.10
N ASP A 208 -15.22 -11.69 -17.68
CA ASP A 208 -15.43 -11.86 -16.25
C ASP A 208 -16.44 -12.95 -15.98
N LYS A 209 -16.47 -13.37 -14.74
CA LYS A 209 -17.51 -14.27 -14.24
C LYS A 209 -18.06 -13.74 -12.92
N THR A 210 -19.36 -13.48 -12.86
CA THR A 210 -20.02 -12.96 -11.67
C THR A 210 -20.53 -14.12 -10.80
N GLY A 211 -20.89 -13.81 -9.57
CA GLY A 211 -21.55 -14.77 -8.71
C GLY A 211 -22.41 -14.02 -7.72
N SER A 212 -23.54 -14.62 -7.33
CA SER A 212 -24.33 -14.06 -6.24
C SER A 212 -24.97 -15.19 -5.44
N GLY A 213 -25.31 -14.88 -4.21
CA GLY A 213 -25.86 -15.90 -3.32
C GLY A 213 -26.52 -15.31 -2.12
N ASP A 214 -26.77 -16.16 -1.12
CA ASP A 214 -27.38 -15.71 0.12
C ASP A 214 -26.40 -14.79 0.85
N TYR A 215 -26.88 -14.12 1.90
CA TYR A 215 -26.08 -13.14 2.63
C TYR A 215 -25.63 -11.98 1.71
N GLY A 216 -26.43 -11.75 0.69
CA GLY A 216 -26.19 -10.61 -0.22
C GLY A 216 -24.84 -10.70 -0.87
N THR A 217 -24.38 -11.93 -1.04
CA THR A 217 -23.05 -12.19 -1.57
C THR A 217 -23.01 -11.77 -3.03
N THR A 218 -22.03 -10.97 -3.39
CA THR A 218 -21.97 -10.41 -4.73
C THR A 218 -20.50 -10.40 -5.13
N ASN A 219 -20.18 -11.17 -6.17
CA ASN A 219 -18.79 -11.47 -6.54
C ASN A 219 -18.56 -11.22 -8.02
N ASP A 220 -17.31 -11.00 -8.38
CA ASP A 220 -16.90 -10.93 -9.79
C ASP A 220 -15.41 -11.20 -9.90
N ILE A 221 -15.00 -11.96 -10.92
CA ILE A 221 -13.57 -12.15 -11.19
C ILE A 221 -13.34 -11.85 -12.68
N ALA A 222 -12.30 -11.09 -12.99
CA ALA A 222 -12.13 -10.51 -14.31
C ALA A 222 -10.69 -10.60 -14.79
N VAL A 223 -10.52 -10.82 -16.09
CA VAL A 223 -9.23 -10.63 -16.75
C VAL A 223 -9.41 -9.39 -17.63
N ILE A 224 -8.48 -8.45 -17.52
CA ILE A 224 -8.69 -7.11 -18.07
C ILE A 224 -7.55 -6.70 -18.97
N TRP A 225 -7.87 -6.14 -20.13
CA TRP A 225 -6.84 -5.61 -21.04
C TRP A 225 -6.97 -4.09 -21.12
N PRO A 226 -6.21 -3.36 -20.30
CA PRO A 226 -6.31 -1.90 -20.41
C PRO A 226 -5.67 -1.42 -21.73
N GLN A 227 -6.16 -0.31 -22.25
CA GLN A 227 -5.59 0.27 -23.47
C GLN A 227 -4.13 0.65 -23.17
N GLY A 228 -3.22 0.11 -23.98
CA GLY A 228 -1.81 0.50 -23.94
C GLY A 228 -0.91 -0.11 -22.88
N ARG A 229 -1.42 -1.10 -22.12
CA ARG A 229 -0.59 -1.76 -21.10
C ARG A 229 -0.91 -3.26 -20.94
N ALA A 230 -0.11 -3.95 -20.13
CA ALA A 230 -0.25 -5.40 -19.95
C ALA A 230 -1.56 -5.73 -19.19
N PRO A 231 -2.10 -6.93 -19.41
CA PRO A 231 -3.35 -7.32 -18.73
C PRO A 231 -3.29 -7.29 -17.19
N LEU A 232 -4.47 -7.15 -16.60
CA LEU A 232 -4.66 -7.25 -15.15
C LEU A 232 -5.59 -8.41 -14.87
N VAL A 233 -5.44 -8.99 -13.69
CA VAL A 233 -6.44 -9.88 -13.15
C VAL A 233 -6.98 -9.22 -11.88
N LEU A 234 -8.32 -9.16 -11.74
CA LEU A 234 -8.94 -8.53 -10.59
C LEU A 234 -10.09 -9.38 -10.06
N VAL A 235 -10.08 -9.62 -8.74
CA VAL A 235 -11.13 -10.37 -8.06
C VAL A 235 -11.75 -9.45 -6.99
N THR A 236 -13.09 -9.38 -6.99
CA THR A 236 -13.80 -8.59 -5.99
C THR A 236 -14.90 -9.45 -5.40
N TYR A 237 -14.76 -9.75 -4.11
CA TYR A 237 -15.75 -10.54 -3.39
C TYR A 237 -16.43 -9.67 -2.32
N PHE A 238 -17.73 -9.84 -2.16
CA PHE A 238 -18.45 -9.04 -1.18
C PHE A 238 -19.57 -9.89 -0.56
N THR A 239 -19.75 -9.72 0.76
CA THR A 239 -20.76 -10.47 1.51
C THR A 239 -21.22 -9.72 2.77
N GLN A 240 -22.43 -10.04 3.26
CA GLN A 240 -23.13 -9.19 4.23
C GLN A 240 -23.69 -10.00 5.41
N PRO A 241 -23.92 -9.35 6.57
CA PRO A 241 -24.32 -10.12 7.78
C PRO A 241 -25.66 -10.83 7.75
N GLN A 242 -26.63 -10.29 7.01
CA GLN A 242 -27.99 -10.84 6.99
C GLN A 242 -28.26 -11.75 5.82
N GLN A 243 -28.92 -12.88 6.08
CA GLN A 243 -29.13 -13.89 5.04
C GLN A 243 -29.87 -13.35 3.81
N ASN A 244 -30.82 -12.45 4.04
CA ASN A 244 -31.64 -11.95 2.96
C ASN A 244 -31.19 -10.59 2.42
N ALA A 245 -29.93 -10.25 2.69
CA ALA A 245 -29.37 -9.00 2.18
C ALA A 245 -29.50 -8.90 0.65
N GLU A 246 -29.68 -7.68 0.16
CA GLU A 246 -29.77 -7.47 -1.29
C GLU A 246 -28.38 -7.40 -1.95
N SER A 247 -28.32 -7.77 -3.23
CA SER A 247 -27.09 -7.65 -4.03
C SER A 247 -26.53 -6.23 -4.08
N ARG A 248 -25.20 -6.13 -4.19
CA ARG A 248 -24.54 -4.83 -4.23
C ARG A 248 -23.47 -4.82 -5.33
N ARG A 249 -23.89 -4.94 -6.57
CA ARG A 249 -22.93 -4.92 -7.68
C ARG A 249 -22.21 -3.60 -7.73
N ASP A 250 -22.91 -2.53 -7.31
CA ASP A 250 -22.32 -1.19 -7.24
C ASP A 250 -21.03 -1.13 -6.39
N VAL A 251 -20.98 -1.92 -5.31
CA VAL A 251 -19.77 -1.98 -4.47
C VAL A 251 -18.59 -2.55 -5.25
N LEU A 252 -18.87 -3.54 -6.09
CA LEU A 252 -17.84 -4.17 -6.92
C LEU A 252 -17.32 -3.19 -7.95
N ALA A 253 -18.26 -2.44 -8.54
CA ALA A 253 -17.90 -1.42 -9.51
C ALA A 253 -17.01 -0.34 -8.85
N SER A 254 -17.38 0.06 -7.63
CA SER A 254 -16.63 1.08 -6.88
C SER A 254 -15.24 0.60 -6.51
N ALA A 255 -15.15 -0.66 -6.11
CA ALA A 255 -13.86 -1.30 -5.83
C ALA A 255 -12.96 -1.26 -7.05
N ALA A 256 -13.52 -1.65 -8.21
CA ALA A 256 -12.78 -1.65 -9.47
C ALA A 256 -12.33 -0.24 -9.87
N ARG A 257 -13.20 0.75 -9.68
CA ARG A 257 -12.86 2.15 -9.97
C ARG A 257 -11.70 2.62 -9.11
N ILE A 258 -11.74 2.29 -7.82
CA ILE A 258 -10.64 2.63 -6.91
C ILE A 258 -9.33 1.99 -7.41
N ILE A 259 -9.41 0.71 -7.77
CA ILE A 259 -8.25 -0.03 -8.26
C ILE A 259 -7.70 0.61 -9.53
N ALA A 260 -8.61 0.97 -10.44
CA ALA A 260 -8.27 1.56 -11.74
C ALA A 260 -7.58 2.91 -11.59
N GLU A 261 -8.10 3.74 -10.68
CA GLU A 261 -7.51 5.08 -10.48
C GLU A 261 -6.12 5.01 -9.83
N GLY A 262 -5.83 3.91 -9.16
CA GLY A 262 -4.55 3.73 -8.47
C GLY A 262 -3.47 3.12 -9.34
N LEU A 263 -3.82 2.78 -10.58
CA LEU A 263 -2.85 2.28 -11.55
C LEU A 263 -2.02 3.42 -12.11
N SER B 3 33.46 9.00 -7.67
CA SER B 3 34.56 9.78 -7.02
C SER B 3 35.12 9.06 -5.78
N ALA B 4 36.16 9.65 -5.16
CA ALA B 4 36.75 9.11 -3.94
C ALA B 4 35.74 9.07 -2.78
N VAL B 5 35.01 10.17 -2.58
CA VAL B 5 34.00 10.21 -1.52
C VAL B 5 32.96 9.11 -1.74
N GLN B 6 32.58 8.92 -3.01
CA GLN B 6 31.62 7.89 -3.41
C GLN B 6 32.10 6.49 -3.03
N GLN B 7 33.40 6.24 -3.29
CA GLN B 7 34.05 4.98 -2.94
C GLN B 7 33.97 4.76 -1.43
N LYS B 8 34.24 5.81 -0.67
CA LYS B 8 34.25 5.71 0.79
C LYS B 8 32.87 5.44 1.35
N LEU B 9 31.85 6.09 0.79
CA LEU B 9 30.48 5.91 1.27
C LEU B 9 29.92 4.55 0.87
N ALA B 10 30.26 4.08 -0.32
CA ALA B 10 29.82 2.75 -0.74
C ALA B 10 30.41 1.66 0.18
N ALA B 11 31.70 1.79 0.49
CA ALA B 11 32.37 0.88 1.39
C ALA B 11 31.74 0.90 2.77
N LEU B 12 31.39 2.10 3.25
CA LEU B 12 30.73 2.24 4.55
C LEU B 12 29.37 1.54 4.53
N GLU B 13 28.57 1.83 3.51
CA GLU B 13 27.30 1.15 3.35
C GLU B 13 27.47 -0.37 3.31
N LYS B 14 28.45 -0.85 2.53
CA LYS B 14 28.72 -2.29 2.43
C LYS B 14 28.93 -2.89 3.84
N SER B 15 29.75 -2.25 4.66
CA SER B 15 30.02 -2.73 6.01
C SER B 15 28.78 -2.70 6.89
N SER B 16 27.90 -1.73 6.66
CA SER B 16 26.80 -1.47 7.59
C SER B 16 25.69 -2.50 7.47
N GLY B 17 25.57 -3.12 6.29
CA GLY B 17 24.47 -4.07 5.99
C GLY B 17 23.13 -3.45 5.66
N GLY B 18 23.06 -2.12 5.71
CA GLY B 18 21.83 -1.38 5.47
C GLY B 18 21.88 -0.53 4.22
N ARG B 19 20.99 0.46 4.17
CA ARG B 19 20.81 1.34 3.01
C ARG B 19 21.06 2.75 3.50
N LEU B 20 22.09 3.38 2.93
CA LEU B 20 22.59 4.67 3.39
C LEU B 20 22.23 5.76 2.38
N GLY B 21 21.68 6.88 2.86
CA GLY B 21 21.38 8.05 2.00
C GLY B 21 22.07 9.29 2.50
N VAL B 22 22.82 9.98 1.63
CA VAL B 22 23.59 11.15 2.03
C VAL B 22 23.36 12.28 1.02
N ALA B 23 23.06 13.48 1.54
CA ALA B 23 23.11 14.66 0.70
C ALA B 23 23.77 15.81 1.44
N LEU B 24 24.84 16.34 0.83
CA LEU B 24 25.55 17.52 1.32
C LEU B 24 25.31 18.71 0.40
N ILE B 25 25.05 19.88 0.96
CA ILE B 25 25.17 21.13 0.20
C ILE B 25 26.27 21.96 0.86
N ASP B 26 27.30 22.29 0.10
CA ASP B 26 28.36 23.18 0.57
C ASP B 26 28.01 24.58 0.07
N THR B 27 27.62 25.47 0.98
CA THR B 27 27.16 26.82 0.57
C THR B 27 28.31 27.73 0.11
N ALA B 28 29.55 27.30 0.33
CA ALA B 28 30.71 28.08 -0.15
C ALA B 28 30.68 28.21 -1.67
N ASP B 29 30.21 27.16 -2.35
CA ASP B 29 30.28 27.08 -3.83
C ASP B 29 29.08 26.34 -4.45
N ASN B 30 28.09 26.02 -3.62
CA ASN B 30 26.89 25.32 -4.06
C ASN B 30 27.19 23.95 -4.69
N THR B 31 28.32 23.36 -4.30
CA THR B 31 28.64 21.98 -4.70
C THR B 31 27.89 20.99 -3.80
N GLN B 32 27.80 19.73 -4.25
CA GLN B 32 27.02 18.70 -3.56
C GLN B 32 27.74 17.37 -3.53
N VAL B 33 27.43 16.59 -2.50
CA VAL B 33 27.80 15.19 -2.45
C VAL B 33 26.51 14.44 -2.21
N LEU B 34 26.24 13.47 -3.08
CA LEU B 34 24.97 12.74 -3.08
C LEU B 34 25.22 11.24 -3.16
N TYR B 35 24.57 10.49 -2.27
CA TYR B 35 24.63 9.04 -2.30
C TYR B 35 23.22 8.53 -2.03
N ARG B 36 22.62 7.88 -3.03
CA ARG B 36 21.18 7.53 -2.96
C ARG B 36 20.39 8.82 -2.66
N GLY B 37 20.81 9.94 -3.26
CA GLY B 37 20.21 11.24 -2.97
C GLY B 37 18.75 11.38 -3.29
N ASP B 38 18.27 10.54 -4.22
CA ASP B 38 16.89 10.62 -4.69
C ASP B 38 16.06 9.43 -4.28
N GLU B 39 16.63 8.55 -3.45
CA GLU B 39 15.82 7.48 -2.90
C GLU B 39 15.01 8.01 -1.70
N ARG B 40 13.82 7.44 -1.48
CA ARG B 40 13.03 7.79 -0.30
C ARG B 40 13.47 7.00 0.95
N PHE B 41 13.42 7.67 2.08
CA PHE B 41 13.77 7.06 3.37
C PHE B 41 12.74 7.55 4.37
N PRO B 42 12.40 6.71 5.36
CA PRO B 42 11.49 7.13 6.41
C PRO B 42 12.23 8.21 7.20
N MET B 43 11.55 9.34 7.38
CA MET B 43 12.13 10.49 8.09
C MET B 43 12.24 10.27 9.60
N CYS B 44 11.27 9.55 10.17
CA CYS B 44 11.13 9.42 11.62
C CYS B 44 11.16 10.81 12.27
N SER B 45 11.83 10.97 13.41
CA SER B 45 11.81 12.28 14.10
C SER B 45 12.45 13.46 13.35
N THR B 46 13.16 13.21 12.26
CA THR B 46 13.67 14.37 11.46
C THR B 46 12.54 15.23 10.86
N SER B 47 11.33 14.64 10.78
CA SER B 47 10.14 15.32 10.30
C SER B 47 9.71 16.44 11.30
N LYS B 48 10.19 16.36 12.54
CA LYS B 48 9.88 17.40 13.53
C LYS B 48 10.37 18.80 13.08
N VAL B 49 11.43 18.83 12.27
CA VAL B 49 11.94 20.11 11.76
C VAL B 49 10.89 20.79 10.89
N MET B 50 10.27 20.02 9.99
CA MET B 50 9.22 20.59 9.10
C MET B 50 7.99 21.05 9.88
N ALA B 51 7.55 20.25 10.86
CA ALA B 51 6.44 20.65 11.73
C ALA B 51 6.70 21.94 12.50
N ALA B 52 7.85 22.01 13.17
CA ALA B 52 8.19 23.21 13.93
C ALA B 52 8.34 24.43 13.00
N ALA B 53 8.95 24.22 11.84
CA ALA B 53 9.12 25.29 10.83
C ALA B 53 7.77 25.80 10.34
N ALA B 54 6.81 24.89 10.17
CA ALA B 54 5.46 25.23 9.73
C ALA B 54 4.74 26.11 10.76
N VAL B 55 4.95 25.82 12.06
CA VAL B 55 4.35 26.62 13.13
C VAL B 55 5.05 27.99 13.19
N LEU B 56 6.37 28.00 13.00
CA LEU B 56 7.13 29.25 12.92
C LEU B 56 6.54 30.13 11.82
N LYS B 57 6.30 29.52 10.65
CA LYS B 57 5.73 30.25 9.51
C LYS B 57 4.39 30.85 9.88
N GLN B 58 3.55 30.06 10.56
CA GLN B 58 2.25 30.55 11.02
C GLN B 58 2.37 31.74 11.95
N SER B 59 3.37 31.70 12.85
CA SER B 59 3.62 32.82 13.79
C SER B 59 4.08 34.11 13.11
N GLU B 60 4.45 34.04 11.84
CA GLU B 60 4.78 35.25 11.07
C GLU B 60 3.57 36.15 10.90
N THR B 61 2.36 35.56 10.85
CA THR B 61 1.12 36.34 10.67
C THR B 61 0.16 36.27 11.85
N GLN B 62 0.24 35.19 12.63
CA GLN B 62 -0.43 35.07 13.93
C GLN B 62 0.61 35.42 15.00
N LYS B 63 0.74 36.71 15.32
CA LYS B 63 1.96 37.22 15.98
C LYS B 63 2.22 36.69 17.41
N GLN B 64 1.17 36.27 18.10
CA GLN B 64 1.29 35.75 19.48
C GLN B 64 1.19 34.24 19.53
N LEU B 65 1.24 33.60 18.36
CA LEU B 65 0.93 32.17 18.28
C LEU B 65 1.84 31.33 19.19
N LEU B 66 3.12 31.66 19.26
CA LEU B 66 4.06 30.81 20.01
C LEU B 66 3.82 30.83 21.55
N ASN B 67 3.11 31.87 22.00
CA ASN B 67 2.74 32.02 23.42
C ASN B 67 1.47 31.28 23.79
N GLN B 68 0.80 30.69 22.79
CA GLN B 68 -0.48 30.05 23.01
C GLN B 68 -0.38 28.76 23.82
N PRO B 69 -1.12 28.68 24.95
CA PRO B 69 -1.09 27.45 25.74
C PRO B 69 -1.89 26.34 25.09
N VAL B 70 -1.37 25.13 25.18
CA VAL B 70 -1.96 23.95 24.61
C VAL B 70 -2.11 22.94 25.74
N GLU B 71 -3.31 22.42 25.93
CA GLU B 71 -3.57 21.43 27.01
C GLU B 71 -2.88 20.11 26.73
N ILE B 72 -2.24 19.56 27.77
CA ILE B 72 -1.70 18.21 27.68
C ILE B 72 -2.53 17.30 28.60
N LYS B 73 -3.20 16.31 28.02
CA LYS B 73 -3.99 15.32 28.79
C LYS B 73 -3.20 14.02 28.93
N PRO B 74 -3.49 13.23 29.99
CA PRO B 74 -2.84 11.92 30.10
C PRO B 74 -3.04 11.04 28.85
N ALA B 75 -4.23 11.12 28.24
CA ALA B 75 -4.55 10.38 27.02
C ALA B 75 -3.68 10.79 25.82
N ASP B 76 -3.13 12.00 25.86
CA ASP B 76 -2.25 12.50 24.78
C ASP B 76 -0.88 11.82 24.75
N LEU B 77 -0.43 11.31 25.91
CA LEU B 77 0.91 10.75 25.98
C LEU B 77 1.10 9.54 25.07
N VAL B 78 2.18 9.57 24.31
CA VAL B 78 2.50 8.45 23.44
C VAL B 78 3.75 7.71 23.97
N ASN B 79 4.68 7.35 23.10
CA ASN B 79 5.76 6.41 23.48
C ASN B 79 7.08 7.04 23.91
N TYR B 80 7.18 8.36 23.89
CA TYR B 80 8.43 9.02 24.26
C TYR B 80 8.14 10.49 24.53
N ASN B 81 7.98 10.83 25.80
CA ASN B 81 7.41 12.11 26.21
C ASN B 81 8.21 12.74 27.36
N PRO B 82 9.51 12.96 27.16
CA PRO B 82 10.36 13.39 28.28
C PRO B 82 9.98 14.75 28.84
N ILE B 83 9.44 15.60 27.98
CA ILE B 83 8.96 16.92 28.41
C ILE B 83 7.46 16.95 28.73
N ALA B 84 6.63 16.38 27.83
CA ALA B 84 5.20 16.49 27.98
C ALA B 84 4.71 15.80 29.26
N GLU B 85 5.42 14.78 29.70
CA GLU B 85 5.08 14.10 30.95
C GLU B 85 5.10 15.00 32.19
N LYS B 86 5.94 16.03 32.16
CA LYS B 86 6.02 17.00 33.25
C LYS B 86 4.77 17.90 33.32
N HIS B 87 4.04 17.99 32.21
CA HIS B 87 2.94 18.96 32.09
C HIS B 87 1.55 18.36 31.85
N VAL B 88 1.44 17.03 31.99
CA VAL B 88 0.15 16.35 31.95
C VAL B 88 -0.84 17.04 32.91
N ASN B 89 -2.10 17.15 32.49
CA ASN B 89 -3.12 17.94 33.21
C ASN B 89 -2.71 19.41 33.40
N GLY B 90 -1.84 19.89 32.52
CA GLY B 90 -1.45 21.29 32.51
C GLY B 90 -1.38 21.75 31.07
N THR B 91 -0.57 22.78 30.81
CA THR B 91 -0.43 23.31 29.47
C THR B 91 1.05 23.55 29.15
N MET B 92 1.35 23.57 27.84
CA MET B 92 2.61 24.07 27.32
C MET B 92 2.32 25.02 26.17
N THR B 93 3.18 26.01 25.98
CA THR B 93 3.01 26.93 24.84
C THR B 93 3.50 26.26 23.56
N LEU B 94 3.09 26.78 22.41
CA LEU B 94 3.63 26.26 21.15
C LEU B 94 5.14 26.41 21.05
N ALA B 95 5.72 27.47 21.65
CA ALA B 95 7.18 27.62 21.71
C ALA B 95 7.81 26.49 22.51
N GLU B 96 7.26 26.20 23.68
CA GLU B 96 7.75 25.12 24.52
C GLU B 96 7.61 23.76 23.82
N LEU B 97 6.46 23.54 23.18
CA LEU B 97 6.25 22.34 22.38
C LEU B 97 7.23 22.21 21.22
N SER B 98 7.54 23.32 20.53
CA SER B 98 8.49 23.28 19.43
C SER B 98 9.89 22.94 19.95
N ALA B 99 10.29 23.56 21.06
CA ALA B 99 11.59 23.24 21.68
C ALA B 99 11.66 21.78 22.17
N ALA B 100 10.58 21.31 22.78
CA ALA B 100 10.53 19.93 23.28
C ALA B 100 10.66 18.94 22.11
N ALA B 101 9.95 19.21 20.99
CA ALA B 101 10.03 18.34 19.80
C ALA B 101 11.45 18.33 19.25
N LEU B 102 12.00 19.52 19.02
CA LEU B 102 13.28 19.61 18.35
C LEU B 102 14.46 19.16 19.22
N GLN B 103 14.47 19.61 20.48
CA GLN B 103 15.68 19.48 21.32
C GLN B 103 15.72 18.21 22.14
N TYR B 104 14.53 17.67 22.37
CA TYR B 104 14.34 16.44 23.17
C TYR B 104 13.65 15.30 22.42
N SER B 105 13.21 15.58 21.19
CA SER B 105 12.54 14.61 20.33
C SER B 105 11.24 14.08 20.98
N ASP B 106 10.56 14.95 21.72
CA ASP B 106 9.34 14.58 22.41
C ASP B 106 8.21 14.30 21.41
N ASN B 107 7.65 13.08 21.46
CA ASN B 107 6.68 12.65 20.43
C ASN B 107 5.30 13.22 20.66
N THR B 108 4.94 13.41 21.94
CA THR B 108 3.69 14.08 22.28
C THR B 108 3.72 15.53 21.78
N ALA B 109 4.85 16.19 21.99
CA ALA B 109 5.01 17.57 21.51
C ALA B 109 4.84 17.62 19.99
N MET B 110 5.45 16.67 19.27
CA MET B 110 5.25 16.62 17.81
C MET B 110 3.77 16.49 17.45
N ASN B 111 3.04 15.64 18.17
CA ASN B 111 1.60 15.50 17.89
C ASN B 111 0.82 16.80 18.05
N LYS B 112 1.23 17.61 19.02
CA LYS B 112 0.60 18.94 19.22
C LYS B 112 0.88 19.93 18.06
N LEU B 113 2.13 19.92 17.57
CA LEU B 113 2.50 20.69 16.35
C LEU B 113 1.68 20.24 15.13
N ILE B 114 1.64 18.93 14.89
CA ILE B 114 0.79 18.40 13.81
C ILE B 114 -0.68 18.84 13.97
N ALA B 115 -1.22 18.77 15.18
CA ALA B 115 -2.61 19.15 15.40
C ALA B 115 -2.85 20.65 15.14
N GLN B 116 -1.89 21.48 15.55
CA GLN B 116 -1.97 22.92 15.30
C GLN B 116 -2.06 23.22 13.80
N LEU B 117 -1.42 22.38 12.99
CA LEU B 117 -1.37 22.55 11.54
C LEU B 117 -2.54 21.87 10.82
N GLY B 118 -3.45 21.26 11.58
CA GLY B 118 -4.63 20.62 11.02
C GLY B 118 -4.44 19.17 10.61
N GLY B 119 -3.34 18.56 11.05
CA GLY B 119 -3.06 17.18 10.69
C GLY B 119 -1.79 17.03 9.86
N PRO B 120 -1.33 15.78 9.64
CA PRO B 120 -0.07 15.58 8.88
C PRO B 120 -0.13 16.31 7.53
N GLY B 121 -1.33 16.41 6.95
CA GLY B 121 -1.52 17.14 5.69
C GLY B 121 -1.07 18.59 5.74
N GLY B 122 -1.29 19.25 6.88
CA GLY B 122 -0.87 20.63 7.09
C GLY B 122 0.64 20.79 7.07
N VAL B 123 1.35 19.75 7.50
CA VAL B 123 2.81 19.76 7.48
C VAL B 123 3.30 19.64 6.04
N THR B 124 2.73 18.70 5.30
CA THR B 124 3.02 18.55 3.86
C THR B 124 2.68 19.83 3.07
N ALA B 125 1.55 20.46 3.42
CA ALA B 125 1.13 21.74 2.81
C ALA B 125 2.21 22.80 2.96
N PHE B 126 2.82 22.86 4.14
CA PHE B 126 3.92 23.82 4.36
C PHE B 126 5.10 23.49 3.45
N ALA B 127 5.47 22.21 3.41
CA ALA B 127 6.54 21.78 2.49
C ALA B 127 6.28 22.25 1.07
N ARG B 128 5.06 22.04 0.57
CA ARG B 128 4.75 22.49 -0.80
C ARG B 128 4.89 24.02 -0.93
N ALA B 129 4.48 24.74 0.10
CA ALA B 129 4.51 26.21 0.09
C ALA B 129 5.93 26.75 0.01
N ILE B 130 6.92 25.99 0.49
CA ILE B 130 8.33 26.44 0.41
C ILE B 130 9.11 25.75 -0.73
N GLY B 131 8.37 25.14 -1.65
CA GLY B 131 8.94 24.59 -2.88
C GLY B 131 9.50 23.18 -2.77
N ASP B 132 9.11 22.45 -1.72
CA ASP B 132 9.51 21.05 -1.55
C ASP B 132 8.32 20.17 -1.99
N GLU B 133 8.46 19.56 -3.18
CA GLU B 133 7.43 18.70 -3.77
CA GLU B 133 7.43 18.69 -3.78
C GLU B 133 7.67 17.21 -3.47
N THR B 134 8.71 16.92 -2.65
CA THR B 134 9.12 15.54 -2.30
C THR B 134 8.62 15.05 -0.94
N PHE B 135 8.86 15.86 0.07
CA PHE B 135 8.42 15.59 1.44
C PHE B 135 6.96 15.17 1.53
N ARG B 136 6.67 14.15 2.33
CA ARG B 136 5.26 13.84 2.71
C ARG B 136 5.17 13.37 4.15
N LEU B 137 4.28 14.00 4.93
CA LEU B 137 3.92 13.48 6.24
C LEU B 137 2.48 12.93 6.16
N ASP B 138 2.29 11.70 6.60
CA ASP B 138 1.03 10.97 6.43
C ASP B 138 0.40 10.59 7.76
N ARG B 139 1.23 10.41 8.77
CA ARG B 139 0.74 9.86 10.04
C ARG B 139 1.28 10.65 11.21
N THR B 140 0.65 10.45 12.37
CA THR B 140 1.10 11.03 13.62
C THR B 140 2.15 10.15 14.31
N GLU B 141 2.63 10.60 15.46
CA GLU B 141 3.45 9.74 16.34
C GLU B 141 2.53 8.82 17.11
N PRO B 142 2.93 7.54 17.27
CA PRO B 142 4.22 6.96 16.88
C PRO B 142 4.23 6.22 15.53
N THR B 143 3.07 6.08 14.88
CA THR B 143 3.01 5.24 13.67
C THR B 143 3.84 5.76 12.50
N LEU B 144 4.20 7.06 12.49
CA LEU B 144 5.02 7.58 11.41
C LEU B 144 6.42 6.93 11.39
N ASN B 145 6.72 6.13 12.42
CA ASN B 145 8.04 5.47 12.57
C ASN B 145 8.13 4.00 12.10
N THR B 146 7.06 3.48 11.48
CA THR B 146 7.05 2.06 11.07
C THR B 146 8.16 1.69 10.09
N ALA B 147 8.53 2.65 9.23
CA ALA B 147 9.72 2.52 8.36
C ALA B 147 9.72 1.23 7.50
N ILE B 148 8.53 0.83 7.05
CA ILE B 148 8.37 -0.38 6.25
C ILE B 148 9.01 -0.21 4.87
N PRO B 149 9.88 -1.17 4.48
CA PRO B 149 10.51 -1.09 3.18
C PRO B 149 9.49 -0.94 2.08
N GLY B 150 9.72 0.01 1.18
CA GLY B 150 8.83 0.21 0.01
C GLY B 150 7.62 1.10 0.28
N ASP B 151 7.40 1.45 1.54
CA ASP B 151 6.28 2.31 1.95
C ASP B 151 6.63 3.81 1.79
N PRO B 152 5.90 4.52 0.93
CA PRO B 152 6.27 5.94 0.72
C PRO B 152 5.77 6.87 1.82
N ARG B 153 4.95 6.36 2.75
CA ARG B 153 4.40 7.25 3.77
C ARG B 153 5.51 7.82 4.65
N ASP B 154 5.44 9.12 4.97
CA ASP B 154 6.36 9.76 5.91
C ASP B 154 7.80 9.65 5.51
N THR B 155 8.04 9.85 4.21
CA THR B 155 9.37 9.76 3.65
C THR B 155 9.73 11.06 2.95
N THR B 156 11.02 11.23 2.71
CA THR B 156 11.50 12.21 1.74
C THR B 156 12.81 11.66 1.19
N THR B 157 13.45 12.42 0.30
CA THR B 157 14.77 12.05 -0.18
C THR B 157 15.83 12.90 0.54
N PRO B 158 17.05 12.39 0.66
CA PRO B 158 18.16 13.20 1.19
C PRO B 158 18.34 14.52 0.42
N ARG B 159 18.29 14.47 -0.91
CA ARG B 159 18.45 15.67 -1.73
C ARG B 159 17.39 16.72 -1.35
N ALA B 160 16.13 16.29 -1.29
CA ALA B 160 15.04 17.24 -1.01
C ALA B 160 15.13 17.80 0.40
N MET B 161 15.49 16.95 1.36
CA MET B 161 15.61 17.41 2.74
C MET B 161 16.80 18.37 2.96
N ALA B 162 17.90 18.10 2.28
CA ALA B 162 19.07 19.03 2.38
C ALA B 162 18.70 20.39 1.81
N GLN B 163 18.02 20.41 0.66
CA GLN B 163 17.62 21.67 0.02
C GLN B 163 16.65 22.43 0.93
N THR B 164 15.69 21.70 1.50
CA THR B 164 14.72 22.33 2.40
C THR B 164 15.40 22.83 3.68
N LEU B 165 16.30 22.02 4.23
CA LEU B 165 16.94 22.47 5.46
C LEU B 165 17.78 23.72 5.18
N ARG B 166 18.45 23.75 4.01
CA ARG B 166 19.14 24.98 3.58
C ARG B 166 18.20 26.19 3.55
N GLN B 167 17.05 26.06 2.89
CA GLN B 167 16.15 27.20 2.76
CA GLN B 167 16.08 27.15 2.76
C GLN B 167 15.57 27.63 4.12
N LEU B 168 15.36 26.68 5.02
CA LEU B 168 14.81 27.02 6.34
C LEU B 168 15.78 27.73 7.26
N THR B 169 17.04 27.28 7.25
CA THR B 169 18.04 27.74 8.22
C THR B 169 19.00 28.81 7.70
N LEU B 170 19.22 28.81 6.38
CA LEU B 170 20.20 29.73 5.76
C LEU B 170 19.56 30.60 4.70
N GLY B 171 18.37 30.23 4.24
CA GLY B 171 17.67 30.99 3.20
C GLY B 171 16.47 31.72 3.73
N HIS B 172 15.44 31.83 2.89
CA HIS B 172 14.32 32.75 3.13
C HIS B 172 12.95 32.10 3.11
N ALA B 173 12.92 30.81 3.43
CA ALA B 173 11.65 30.09 3.60
C ALA B 173 10.86 30.67 4.77
N LEU B 174 11.59 31.13 5.80
CA LEU B 174 11.02 31.75 6.99
C LEU B 174 11.45 33.23 7.10
N GLY B 175 10.68 34.02 7.86
CA GLY B 175 11.06 35.41 8.21
C GLY B 175 12.35 35.37 9.03
N GLU B 176 13.10 36.47 9.05
CA GLU B 176 14.40 36.48 9.70
CA GLU B 176 14.41 36.49 9.71
C GLU B 176 14.35 36.03 11.17
N THR B 177 13.43 36.59 11.96
CA THR B 177 13.31 36.20 13.37
C THR B 177 13.03 34.71 13.53
N GLN B 178 12.16 34.18 12.66
CA GLN B 178 11.80 32.74 12.65
C GLN B 178 12.96 31.83 12.27
N ARG B 179 13.71 32.23 11.23
CA ARG B 179 14.92 31.53 10.85
CA ARG B 179 14.92 31.53 10.85
C ARG B 179 15.89 31.45 12.05
N ALA B 180 16.10 32.58 12.72
CA ALA B 180 17.04 32.65 13.85
C ALA B 180 16.56 31.77 14.98
N GLN B 181 15.25 31.78 15.22
CA GLN B 181 14.65 30.91 16.26
C GLN B 181 14.87 29.42 15.92
N LEU B 182 14.66 29.06 14.66
CA LEU B 182 14.85 27.64 14.26
C LEU B 182 16.31 27.22 14.45
N VAL B 183 17.24 28.10 14.06
CA VAL B 183 18.68 27.82 14.20
C VAL B 183 19.05 27.70 15.67
N THR B 184 18.54 28.62 16.51
CA THR B 184 18.77 28.52 17.94
C THR B 184 18.28 27.19 18.51
N TRP B 185 17.08 26.77 18.12
CA TRP B 185 16.54 25.52 18.63
C TRP B 185 17.42 24.34 18.22
N LEU B 186 17.79 24.31 16.93
CA LEU B 186 18.63 23.23 16.42
C LEU B 186 20.01 23.16 17.09
N LYS B 187 20.63 24.32 17.31
CA LYS B 187 21.94 24.37 17.96
C LYS B 187 21.88 23.95 19.41
N GLY B 188 20.67 23.99 19.99
CA GLY B 188 20.43 23.54 21.36
C GLY B 188 19.98 22.10 21.47
N ASN B 189 20.03 21.35 20.36
CA ASN B 189 19.63 19.94 20.41
C ASN B 189 20.43 19.17 21.49
N THR B 190 19.73 18.27 22.20
CA THR B 190 20.36 17.40 23.21
C THR B 190 20.70 16.01 22.68
N THR B 191 20.19 15.63 21.51
CA THR B 191 20.27 14.21 21.07
C THR B 191 21.35 13.85 20.04
N GLY B 192 22.12 14.86 19.60
CA GLY B 192 22.96 14.68 18.40
C GLY B 192 24.44 14.33 18.53
N ALA B 193 24.97 14.25 19.74
CA ALA B 193 26.44 14.12 19.89
C ALA B 193 27.08 12.84 19.32
N ALA B 194 26.26 11.78 19.17
CA ALA B 194 26.69 10.47 18.63
C ALA B 194 26.51 10.33 17.10
N SER B 195 25.86 11.30 16.48
CA SER B 195 25.43 11.14 15.08
C SER B 195 26.31 11.96 14.14
N ILE B 196 25.76 12.74 13.21
CA ILE B 196 26.62 13.53 12.29
C ILE B 196 27.74 14.25 13.06
N ARG B 197 27.39 14.95 14.13
CA ARG B 197 28.36 15.80 14.82
C ARG B 197 29.56 15.04 15.40
N ALA B 198 29.36 13.76 15.71
CA ALA B 198 30.45 12.89 16.13
C ALA B 198 31.58 12.76 15.08
N GLY B 199 31.25 12.91 13.80
CA GLY B 199 32.22 12.80 12.72
C GLY B 199 32.89 14.11 12.30
N LEU B 200 32.59 15.20 13.00
CA LEU B 200 33.04 16.54 12.60
C LEU B 200 34.17 17.02 13.51
N PRO B 201 35.09 17.85 12.98
CA PRO B 201 36.09 18.48 13.85
C PRO B 201 35.41 19.19 15.02
N THR B 202 35.96 19.05 16.22
N THR B 202 36.00 19.06 16.20
CA THR B 202 35.33 19.59 17.44
CA THR B 202 35.41 19.56 17.45
C THR B 202 35.18 21.12 17.39
C THR B 202 35.29 21.09 17.49
N SER B 203 36.08 21.79 16.67
CA SER B 203 36.09 23.25 16.59
C SER B 203 34.92 23.82 15.79
N TRP B 204 34.24 22.96 15.02
CA TRP B 204 33.08 23.40 14.23
C TRP B 204 31.86 23.53 15.14
N THR B 205 30.86 24.27 14.70
CA THR B 205 29.60 24.36 15.42
C THR B 205 28.47 23.85 14.51
N ALA B 206 27.43 23.30 15.11
CA ALA B 206 26.35 22.75 14.32
C ALA B 206 25.04 22.74 15.07
N GLY B 207 23.96 22.66 14.32
CA GLY B 207 22.63 22.34 14.86
C GLY B 207 22.14 21.09 14.12
N ASP B 208 21.33 20.27 14.77
CA ASP B 208 20.86 19.07 14.10
C ASP B 208 19.56 18.54 14.70
N LYS B 209 18.94 17.61 13.98
CA LYS B 209 17.77 16.86 14.47
C LYS B 209 17.94 15.41 14.08
N THR B 210 17.92 14.53 15.08
CA THR B 210 18.09 13.09 14.87
C THR B 210 16.72 12.45 14.66
N GLY B 211 16.74 11.19 14.22
CA GLY B 211 15.52 10.39 14.18
C GLY B 211 15.87 8.92 14.27
N SER B 212 14.95 8.13 14.81
CA SER B 212 15.14 6.69 14.78
C SER B 212 13.78 6.02 14.74
N GLY B 213 13.73 4.83 14.17
CA GLY B 213 12.45 4.12 14.15
C GLY B 213 12.66 2.64 13.96
N ASP B 214 11.61 1.96 13.52
CA ASP B 214 11.71 0.52 13.22
C ASP B 214 12.64 0.28 12.05
N TYR B 215 12.96 -0.98 11.79
CA TYR B 215 13.95 -1.32 10.75
C TYR B 215 15.32 -0.67 11.02
N GLY B 216 15.57 -0.40 12.30
CA GLY B 216 16.86 0.15 12.74
C GLY B 216 17.14 1.49 12.07
N THR B 217 16.07 2.20 11.71
CA THR B 217 16.24 3.46 10.99
C THR B 217 16.97 4.45 11.91
N THR B 218 18.02 5.06 11.40
CA THR B 218 18.84 5.94 12.20
C THR B 218 19.19 7.11 11.31
N ASN B 219 18.70 8.30 11.67
CA ASN B 219 18.76 9.50 10.79
C ASN B 219 19.33 10.73 11.50
N ASP B 220 19.85 11.68 10.72
CA ASP B 220 20.23 12.97 11.31
C ASP B 220 20.28 14.00 10.20
N ILE B 221 19.78 15.20 10.47
CA ILE B 221 19.91 16.30 9.52
C ILE B 221 20.55 17.48 10.25
N ALA B 222 21.54 18.12 9.63
CA ALA B 222 22.38 19.10 10.33
C ALA B 222 22.68 20.30 9.45
N VAL B 223 22.79 21.45 10.09
CA VAL B 223 23.39 22.64 9.51
C VAL B 223 24.69 22.89 10.29
N ILE B 224 25.78 23.15 9.57
CA ILE B 224 27.12 23.07 10.15
C ILE B 224 27.90 24.31 9.74
N TRP B 225 28.59 24.93 10.70
CA TRP B 225 29.47 26.07 10.45
C TRP B 225 30.90 25.60 10.70
N PRO B 226 31.60 25.21 9.62
CA PRO B 226 32.98 24.84 9.87
C PRO B 226 33.79 26.08 10.19
N GLN B 227 34.86 25.91 10.93
CA GLN B 227 35.69 27.03 11.30
C GLN B 227 36.27 27.68 10.04
N GLY B 228 36.01 28.96 9.86
CA GLY B 228 36.66 29.77 8.82
C GLY B 228 36.08 29.65 7.42
N ARG B 229 34.92 29.01 7.29
CA ARG B 229 34.33 28.88 5.97
C ARG B 229 32.80 28.82 5.99
N ALA B 230 32.20 28.84 4.80
CA ALA B 230 30.74 28.97 4.69
C ALA B 230 30.04 27.72 5.23
N PRO B 231 28.79 27.84 5.70
CA PRO B 231 28.10 26.66 6.28
C PRO B 231 27.80 25.53 5.28
N LEU B 232 27.64 24.34 5.83
CA LEU B 232 27.22 23.15 5.10
C LEU B 232 25.83 22.74 5.58
N VAL B 233 25.08 22.05 4.74
CA VAL B 233 23.87 21.35 5.16
C VAL B 233 24.12 19.88 4.85
N LEU B 234 23.88 19.00 5.82
CA LEU B 234 24.18 17.60 5.60
C LEU B 234 23.01 16.77 6.11
N VAL B 235 22.53 15.86 5.25
CA VAL B 235 21.50 14.88 5.58
C VAL B 235 22.11 13.47 5.48
N THR B 236 21.91 12.65 6.53
CA THR B 236 22.36 11.25 6.50
C THR B 236 21.20 10.40 7.02
N TYR B 237 20.68 9.57 6.13
CA TYR B 237 19.56 8.68 6.46
C TYR B 237 20.06 7.23 6.35
N PHE B 238 19.55 6.35 7.21
CA PHE B 238 20.02 4.98 7.25
C PHE B 238 18.89 4.08 7.72
N THR B 239 18.69 2.99 7.01
CA THR B 239 17.66 2.02 7.38
C THR B 239 18.15 0.61 7.04
N GLN B 240 17.57 -0.39 7.67
CA GLN B 240 18.18 -1.73 7.66
C GLN B 240 17.15 -2.80 7.30
N PRO B 241 17.61 -4.02 6.92
CA PRO B 241 16.64 -5.01 6.45
C PRO B 241 15.74 -5.65 7.51
N GLN B 242 16.19 -5.69 8.76
N GLN B 242 16.19 -5.72 8.75
CA GLN B 242 15.51 -6.40 9.85
CA GLN B 242 15.45 -6.41 9.81
C GLN B 242 14.63 -5.40 10.62
C GLN B 242 14.63 -5.43 10.64
N GLN B 243 13.35 -5.73 10.84
CA GLN B 243 12.43 -4.82 11.53
C GLN B 243 12.88 -4.43 12.95
N ASN B 244 13.51 -5.38 13.63
CA ASN B 244 13.98 -5.17 14.99
C ASN B 244 15.47 -4.78 15.05
N ALA B 245 16.04 -4.36 13.92
CA ALA B 245 17.46 -3.95 13.93
C ALA B 245 17.76 -2.86 14.97
N GLU B 246 18.98 -2.92 15.53
CA GLU B 246 19.49 -1.90 16.47
C GLU B 246 19.80 -0.58 15.75
N SER B 247 19.77 0.52 16.49
CA SER B 247 20.24 1.82 15.97
C SER B 247 21.73 1.81 15.63
N ARG B 248 22.11 2.59 14.62
CA ARG B 248 23.48 2.64 14.15
C ARG B 248 23.94 4.08 13.97
N ARG B 249 23.96 4.85 15.07
CA ARG B 249 24.35 6.26 14.97
C ARG B 249 25.81 6.40 14.49
N ASP B 250 26.61 5.36 14.74
CA ASP B 250 28.01 5.33 14.29
C ASP B 250 28.16 5.42 12.76
N VAL B 251 27.17 4.91 12.04
CA VAL B 251 27.19 4.95 10.59
C VAL B 251 27.04 6.39 10.13
N LEU B 252 26.16 7.14 10.80
CA LEU B 252 25.94 8.55 10.47
C LEU B 252 27.22 9.33 10.78
N ALA B 253 27.81 9.05 11.94
CA ALA B 253 29.06 9.70 12.34
C ALA B 253 30.16 9.45 11.29
N SER B 254 30.25 8.19 10.86
CA SER B 254 31.23 7.76 9.84
C SER B 254 31.00 8.46 8.51
N ALA B 255 29.73 8.61 8.12
CA ALA B 255 29.41 9.30 6.85
C ALA B 255 29.84 10.75 6.90
N ALA B 256 29.51 11.42 8.00
CA ALA B 256 29.94 12.80 8.23
C ALA B 256 31.47 12.93 8.19
N ARG B 257 32.17 11.95 8.78
CA ARG B 257 33.63 11.96 8.83
C ARG B 257 34.21 11.94 7.41
N ILE B 258 33.68 11.06 6.58
CA ILE B 258 34.05 11.00 5.15
C ILE B 258 33.81 12.37 4.46
N ILE B 259 32.62 12.91 4.65
CA ILE B 259 32.25 14.24 4.14
C ILE B 259 33.26 15.31 4.61
N ALA B 260 33.54 15.34 5.92
CA ALA B 260 34.46 16.34 6.49
C ALA B 260 35.86 16.24 5.89
N GLU B 261 36.38 15.02 5.75
CA GLU B 261 37.72 14.76 5.19
C GLU B 261 37.82 15.19 3.72
N GLY B 262 36.72 15.06 2.97
CA GLY B 262 36.71 15.41 1.54
C GLY B 262 36.63 16.90 1.24
N LEU B 263 36.35 17.71 2.26
CA LEU B 263 36.28 19.17 2.10
C LEU B 263 37.64 19.81 1.79
O10 GF1 C . -28.74 -20.81 -26.18
C7 GF1 C . -27.71 -20.45 -26.71
N8 GF1 C . -27.41 -19.22 -27.16
C12 GF1 C . -28.31 -18.04 -27.09
C14 GF1 C . -29.59 -18.25 -27.85
O16 GF1 C . -29.59 -18.96 -28.89
O15 GF1 C . -30.63 -17.69 -27.41
C13 GF1 C . -28.56 -17.58 -25.65
C2 GF1 C . -26.57 -21.39 -26.99
C3 GF1 C . -25.53 -20.51 -27.69
C9 GF1 C . -26.20 -19.16 -27.73
O11 GF1 C . -25.68 -18.18 -28.24
C1 GF1 C . -25.79 -21.91 -25.77
C6 GF1 C . -25.51 -20.80 -24.74
C5 GF1 C . -24.46 -19.94 -25.45
C17 GF1 C . -24.40 -22.07 -26.35
C4 GF1 C . -24.28 -20.63 -26.79
O10 GF1 D . -16.63 -2.70 7.42
C7 GF1 D . -17.42 -3.47 7.98
N8 GF1 D . -17.06 -4.49 8.75
C12 GF1 D . -15.77 -4.50 9.48
C14 GF1 D . -14.96 -5.59 8.93
O16 GF1 D . -14.04 -6.13 9.64
O15 GF1 D . -15.32 -5.92 7.76
C13 GF1 D . -15.87 -4.66 10.98
C2 GF1 D . -18.92 -3.40 7.89
C3 GF1 D . -19.37 -4.76 8.39
C9 GF1 D . -18.05 -5.42 8.77
O11 GF1 D . -17.93 -6.61 9.07
C1 GF1 D . -19.49 -2.45 8.92
C6 GF1 D . -18.77 -2.59 10.26
C5 GF1 D . -19.29 -3.95 10.78
C17 GF1 D . -20.80 -3.10 9.28
C4 GF1 D . -20.19 -4.44 9.64
O10 GF1 E . -27.62 -18.94 -7.89
C7 GF1 E . -27.93 -17.78 -8.07
N8 GF1 E . -27.44 -16.99 -9.04
C12 GF1 E . -26.32 -17.39 -9.88
C14 GF1 E . -25.31 -16.31 -10.15
O16 GF1 E . -25.09 -15.48 -9.24
O15 GF1 E . -24.70 -16.27 -11.23
C13 GF1 E . -26.83 -18.03 -11.18
C2 GF1 E . -28.94 -17.04 -7.24
C3 GF1 E . -29.03 -15.69 -7.94
C9 GF1 E . -28.08 -15.81 -9.08
O11 GF1 E . -27.91 -14.92 -9.91
C1 GF1 E . -30.37 -17.55 -7.30
C6 GF1 E . -30.76 -17.94 -8.72
C5 GF1 E . -30.84 -16.60 -9.44
C17 GF1 E . -31.16 -16.28 -7.17
C4 GF1 E . -30.50 -15.60 -8.34
P PO4 F . -25.09 -14.63 -11.30
O1 PO4 F . -23.98 -13.63 -11.12
O2 PO4 F . -26.19 -14.42 -10.29
O3 PO4 F . -25.67 -14.54 -12.69
O4 PO4 F . -24.52 -16.02 -11.10
S DMS G . -15.14 -3.26 -20.85
O DMS G . -16.31 -4.25 -19.97
C1 DMS G . -15.99 -2.29 -22.14
C2 DMS G . -14.70 -1.88 -19.74
S DMS H . -19.37 -11.58 7.46
O DMS H . -18.15 -12.21 6.32
C1 DMS H . -18.90 -9.90 7.97
C2 DMS H . -20.92 -11.24 6.59
O10 GF1 I . 14.34 7.50 19.98
C7 GF1 I . 13.30 7.05 19.51
N8 GF1 I . 12.28 7.77 19.00
C12 GF1 I . 12.28 9.22 18.83
C14 GF1 I . 13.52 9.74 18.15
O16 GF1 I . 14.08 9.02 17.32
O15 GF1 I . 13.95 10.87 18.43
C13 GF1 I . 12.06 9.87 20.18
C2 GF1 I . 12.95 5.59 19.47
C3 GF1 I . 11.55 5.57 18.88
C9 GF1 I . 11.25 7.01 18.65
O11 GF1 I . 10.17 7.42 18.21
C1 GF1 I . 12.78 4.92 20.83
C6 GF1 I . 12.01 5.82 21.79
C5 GF1 I . 10.59 5.80 21.21
C17 GF1 I . 11.73 3.90 20.53
C4 GF1 I . 10.73 4.90 19.98
O10 GF1 J . 23.62 7.20 -5.55
C7 GF1 J . 23.45 6.06 -5.98
N8 GF1 J . 22.96 5.70 -7.18
C12 GF1 J . 22.54 6.72 -8.16
C14 GF1 J . 23.72 7.09 -9.01
O16 GF1 J . 23.79 8.27 -9.42
O15 GF1 J . 24.60 6.23 -9.26
C13 GF1 J . 21.32 6.29 -8.98
C2 GF1 J . 23.81 4.83 -5.20
C3 GF1 J . 23.50 3.68 -6.15
C9 GF1 J . 22.99 4.37 -7.38
O11 GF1 J . 22.68 3.75 -8.41
C1 GF1 J . 25.31 4.67 -4.93
C6 GF1 J . 26.14 5.04 -6.15
C5 GF1 J . 25.83 3.90 -7.13
C17 GF1 J . 25.45 3.17 -4.96
C4 GF1 J . 24.86 3.03 -6.34
P PO4 K . 15.56 10.21 18.26
O1 PO4 K . 16.76 10.33 17.38
O2 PO4 K . 15.73 11.12 19.45
O3 PO4 K . 14.32 10.58 17.51
O4 PO4 K . 15.46 8.78 18.75
S DMS L . 30.10 20.40 17.00
O DMS L . 28.73 19.37 17.51
C1 DMS L . 31.16 20.71 18.43
C2 DMS L . 31.24 19.35 16.05
#